data_4NNA
#
_entry.id   4NNA
#
_cell.length_a   173.548
_cell.length_b   173.548
_cell.length_c   46.249
_cell.angle_alpha   90.00
_cell.angle_beta   90.00
_cell.angle_gamma   90.00
#
_symmetry.space_group_name_H-M   'P 43 21 2'
#
loop_
_entity.id
_entity.type
_entity.pdbx_description
1 polymer 'OBCA, Oxalate Biosynthetic Component A'
2 non-polymer 'MAGNESIUM ION'
3 water water
#
_entity_poly.entity_id   1
_entity_poly.type   'polypeptide(L)'
_entity_poly.pdbx_seq_one_letter_code
;GH(MSE)TSLYITAAPIGAVP(MLY)FLDPFEATFIPSFLLEGFFDADRCASIAADLKTDGWEVVPAGGRLLQVGHAQPI
DERLLAGNAQAATIRQALEAARWTRRDGAWHPPRLAAPNAAHFP(MLY)PWLAALSNKLARRIVLQLTTYGWIVSEQGDL
LWEHERQHHYLPPALIEAIEKESPALLKN(MSE)EEAGWIACAAGYWQAGKARSPYLPITPEAITEETIRS(MSE)RAGA
AVVHLHTRDLSDRRRIEIPGLGVVTVGSQRNQIVLDDYDAIVP(MSE)V(MLY)KREPAAILNLSTSVRGDRHGARSKLR
RAHL(MLY)FYDDVGSAPEVASLSPAAVVFQGGGGYDNAPDFLDAQFDHFERVGTRPEVEVFNHAIVDNATSLYRDRLLR
TGKPVLF(MSE)LVAGVDQYRRDPITGEVEDDSLIARVVREEISSLLADESADSHRRAVELAIGQLRPVVERLRASFPVS
KISILLPGP(MSE)QNLLVDVALGLGLDGIRVGLEDGLTVNDARVPGGVR(MLY)ARGTWEQVSLVREELLGRGATILTA
AQVRD(MSE)FGLGIKPAARRERDPQTAAG
;
_entity_poly.pdbx_strand_id   A
#
# COMPACT_ATOMS: atom_id res chain seq x y z
N THR A 4 -19.98 14.65 -12.68
CA THR A 4 -20.04 15.02 -11.27
C THR A 4 -18.64 15.19 -10.69
N SER A 5 -18.44 16.29 -9.99
CA SER A 5 -17.14 16.63 -9.41
C SER A 5 -16.63 15.56 -8.43
N LEU A 6 -15.31 15.51 -8.25
CA LEU A 6 -14.70 14.46 -7.42
C LEU A 6 -13.75 14.99 -6.35
N TYR A 7 -13.67 14.29 -5.23
CA TYR A 7 -12.59 14.54 -4.28
C TYR A 7 -11.69 13.32 -4.18
N ILE A 8 -10.40 13.59 -4.01
CA ILE A 8 -9.43 12.52 -3.89
C ILE A 8 -9.16 12.23 -2.43
N THR A 9 -9.20 10.94 -2.09
CA THR A 9 -8.78 10.48 -0.78
C THR A 9 -7.38 9.93 -0.90
N ALA A 10 -6.47 10.38 -0.03
CA ALA A 10 -5.14 9.78 0.04
C ALA A 10 -5.11 8.79 1.20
N ALA A 11 -4.53 7.62 0.95
CA ALA A 11 -4.44 6.57 1.97
C ALA A 11 -2.99 6.15 2.08
N PRO A 12 -2.20 6.86 2.89
CA PRO A 12 -0.74 6.74 2.80
C PRO A 12 -0.08 5.60 3.57
N ILE A 13 -0.79 4.87 4.43
CA ILE A 13 -0.12 3.94 5.35
C ILE A 13 -0.73 2.54 5.30
N GLY A 14 -2.02 2.44 5.64
CA GLY A 14 -2.73 1.18 5.61
C GLY A 14 -2.25 0.19 6.65
N ALA A 15 -2.59 -1.08 6.43
CA ALA A 15 -2.32 -2.16 7.37
C ALA A 15 -1.25 -3.11 6.87
N VAL A 16 -1.19 -3.29 5.55
CA VAL A 16 -0.40 -4.39 4.98
C VAL A 16 1.05 -4.08 4.60
N PRO A 17 1.29 -3.01 3.82
CA PRO A 17 2.68 -2.84 3.35
C PRO A 17 3.64 -2.46 4.47
N PHE A 19 7.61 -0.54 5.52
CA PHE A 19 8.72 0.32 5.15
C PHE A 19 9.96 -0.54 4.88
N LEU A 20 10.72 -0.18 3.85
CA LEU A 20 12.03 -0.80 3.65
C LEU A 20 13.06 0.29 3.60
N ASP A 21 14.12 0.15 4.39
CA ASP A 21 15.23 1.08 4.37
C ASP A 21 16.16 0.66 3.24
N PRO A 22 16.28 1.50 2.20
CA PRO A 22 17.08 1.13 1.03
C PRO A 22 18.59 1.20 1.29
N PHE A 23 18.98 1.67 2.47
CA PHE A 23 20.40 1.68 2.88
C PHE A 23 20.82 0.37 3.51
N GLU A 24 19.86 -0.48 3.85
CA GLU A 24 20.18 -1.74 4.52
C GLU A 24 20.54 -2.84 3.54
N ALA A 25 21.36 -3.78 4.01
CA ALA A 25 21.72 -4.95 3.22
C ALA A 25 20.47 -5.69 2.77
N THR A 26 20.47 -6.18 1.53
CA THR A 26 19.33 -6.88 0.96
C THR A 26 19.63 -8.36 0.71
N PHE A 27 20.83 -8.79 1.11
CA PHE A 27 21.26 -10.17 0.91
C PHE A 27 22.22 -10.56 2.01
N ILE A 28 21.97 -11.73 2.61
CA ILE A 28 22.84 -12.27 3.64
C ILE A 28 23.28 -13.66 3.21
N PRO A 29 24.57 -13.82 2.86
CA PRO A 29 25.03 -15.14 2.41
C PRO A 29 25.02 -16.13 3.56
N SER A 30 24.70 -17.39 3.26
CA SER A 30 24.59 -18.41 4.30
C SER A 30 25.91 -18.60 5.05
N PHE A 31 27.03 -18.37 4.37
CA PHE A 31 28.33 -18.62 4.97
C PHE A 31 28.66 -17.68 6.14
N LEU A 32 28.15 -16.44 6.09
CA LEU A 32 28.33 -15.52 7.21
C LEU A 32 27.49 -15.93 8.42
N LEU A 33 26.25 -16.33 8.15
CA LEU A 33 25.33 -16.71 9.21
C LEU A 33 25.77 -18.01 9.90
N GLU A 34 26.19 -19.00 9.11
CA GLU A 34 26.57 -20.31 9.64
C GLU A 34 27.97 -20.31 10.25
N GLY A 35 28.83 -19.42 9.76
CA GLY A 35 30.20 -19.36 10.21
C GLY A 35 30.45 -18.50 11.45
N PHE A 36 29.64 -17.46 11.63
CA PHE A 36 29.87 -16.52 12.72
C PHE A 36 28.89 -16.65 13.90
N PHE A 37 28.00 -17.64 13.84
CA PHE A 37 27.10 -17.89 14.96
C PHE A 37 26.99 -19.39 15.19
N ASP A 38 26.67 -19.80 16.42
CA ASP A 38 26.48 -21.23 16.68
C ASP A 38 25.12 -21.71 16.16
N ALA A 39 24.92 -23.02 16.18
CA ALA A 39 23.77 -23.66 15.53
C ALA A 39 22.40 -23.07 15.86
N ASP A 40 22.16 -22.76 17.13
CA ASP A 40 20.85 -22.26 17.55
C ASP A 40 20.69 -20.77 17.30
N ARG A 41 21.77 -20.01 17.48
CA ARG A 41 21.73 -18.57 17.23
C ARG A 41 21.60 -18.28 15.73
N CYS A 42 22.30 -19.07 14.92
CA CYS A 42 22.15 -19.00 13.47
C CYS A 42 20.72 -19.34 13.10
N ALA A 43 20.18 -20.37 13.73
CA ALA A 43 18.80 -20.80 13.46
C ALA A 43 17.76 -19.78 13.91
N SER A 44 18.02 -19.08 15.01
CA SER A 44 17.06 -18.09 15.50
C SER A 44 17.02 -16.83 14.62
N ILE A 45 18.20 -16.35 14.23
CA ILE A 45 18.29 -15.22 13.29
C ILE A 45 17.53 -15.56 12.01
N ALA A 46 17.83 -16.72 11.43
CA ALA A 46 17.18 -17.15 10.20
C ALA A 46 15.65 -17.12 10.30
N ALA A 47 15.13 -17.64 11.40
CA ALA A 47 13.68 -17.59 11.65
C ALA A 47 13.13 -16.17 11.70
N ASP A 48 13.90 -15.26 12.28
CA ASP A 48 13.53 -13.84 12.35
C ASP A 48 13.54 -13.17 10.97
N LEU A 49 14.49 -13.58 10.13
CA LEU A 49 14.58 -13.10 8.75
C LEU A 49 13.35 -13.54 7.97
N LYS A 50 12.98 -14.81 8.13
CA LYS A 50 11.79 -15.32 7.45
C LYS A 50 10.51 -14.59 7.90
N THR A 51 10.44 -14.28 9.20
CA THR A 51 9.31 -13.54 9.74
C THR A 51 9.24 -12.14 9.12
N ASP A 52 10.41 -11.58 8.81
CA ASP A 52 10.49 -10.25 8.23
C ASP A 52 10.47 -10.29 6.70
N GLY A 53 10.10 -11.44 6.15
CA GLY A 53 9.89 -11.58 4.72
C GLY A 53 11.11 -11.93 3.87
N TRP A 54 12.24 -12.18 4.52
CA TRP A 54 13.41 -12.64 3.77
C TRP A 54 13.11 -14.03 3.23
N GLU A 55 13.67 -14.37 2.08
CA GLU A 55 13.47 -15.71 1.53
C GLU A 55 14.79 -16.37 1.17
N VAL A 56 14.83 -17.70 1.33
CA VAL A 56 16.02 -18.48 1.01
C VAL A 56 16.22 -18.55 -0.51
N VAL A 57 17.44 -18.26 -0.97
CA VAL A 57 17.77 -18.34 -2.38
C VAL A 57 19.06 -19.14 -2.58
N PRO A 58 19.15 -19.89 -3.69
CA PRO A 58 20.40 -20.59 -4.02
C PRO A 58 21.44 -19.62 -4.58
N ALA A 59 22.59 -20.14 -4.96
CA ALA A 59 23.61 -19.34 -5.63
C ALA A 59 23.13 -18.84 -6.99
N GLY A 60 23.81 -17.84 -7.55
CA GLY A 60 23.43 -17.34 -8.85
C GLY A 60 22.96 -15.89 -8.87
N GLY A 61 22.81 -15.29 -7.69
CA GLY A 61 22.38 -13.90 -7.63
C GLY A 61 23.49 -12.92 -7.97
N ARG A 62 23.15 -11.63 -8.04
CA ARG A 62 24.16 -10.59 -8.20
C ARG A 62 24.01 -9.49 -7.14
N LEU A 63 25.15 -9.05 -6.61
CA LEU A 63 25.17 -8.03 -5.57
C LEU A 63 26.00 -6.84 -5.99
N LEU A 64 25.40 -5.66 -5.92
CA LEU A 64 26.12 -4.41 -6.15
C LEU A 64 26.24 -3.73 -4.80
N GLN A 65 27.48 -3.49 -4.36
CA GLN A 65 27.71 -2.84 -3.06
C GLN A 65 28.77 -1.76 -3.14
N VAL A 66 28.49 -0.64 -2.51
CA VAL A 66 29.39 0.51 -2.48
C VAL A 66 29.39 1.04 -1.06
N GLY A 67 30.60 1.24 -0.50
CA GLY A 67 30.78 1.87 0.80
C GLY A 67 29.97 1.28 1.94
N HIS A 68 29.61 0.00 1.82
CA HIS A 68 28.59 -0.56 2.70
C HIS A 68 29.17 -1.41 3.82
N ALA A 69 29.98 -2.40 3.45
CA ALA A 69 30.45 -3.38 4.42
C ALA A 69 31.62 -2.90 5.27
N GLN A 70 31.63 -3.33 6.52
CA GLN A 70 32.77 -3.16 7.40
C GLN A 70 33.61 -4.43 7.35
N PRO A 71 34.95 -4.27 7.37
CA PRO A 71 35.89 -5.40 7.27
C PRO A 71 35.78 -6.40 8.43
N ILE A 72 36.20 -7.63 8.15
CA ILE A 72 36.21 -8.69 9.14
C ILE A 72 37.63 -8.95 9.62
N ARG A 94 33.85 -11.22 -3.58
CA ARG A 94 35.23 -10.94 -3.99
C ARG A 94 35.97 -10.02 -3.01
N TRP A 95 36.02 -10.43 -1.75
CA TRP A 95 36.74 -9.69 -0.72
C TRP A 95 38.26 -9.82 -0.90
N THR A 96 39.03 -8.86 -0.39
CA THR A 96 40.49 -8.90 -0.49
C THR A 96 41.21 -8.95 0.86
N ARG A 97 42.50 -9.25 0.82
CA ARG A 97 43.31 -9.54 2.01
C ARG A 97 42.65 -10.59 2.90
N HIS A 103 38.19 -7.23 3.74
CA HIS A 103 37.64 -6.03 3.09
C HIS A 103 36.81 -6.38 1.86
N PRO A 104 35.58 -5.85 1.79
CA PRO A 104 34.65 -6.08 0.67
C PRO A 104 35.17 -5.48 -0.64
N PRO A 105 34.71 -6.00 -1.78
CA PRO A 105 35.16 -5.51 -3.08
C PRO A 105 34.80 -4.05 -3.29
N ARG A 106 35.67 -3.33 -3.98
CA ARG A 106 35.41 -1.93 -4.33
C ARG A 106 35.43 -1.84 -5.84
N LEU A 107 34.81 -2.82 -6.48
CA LEU A 107 34.78 -2.93 -7.94
C LEU A 107 33.83 -1.90 -8.55
N ALA A 108 32.94 -1.35 -7.74
CA ALA A 108 32.01 -0.33 -8.21
C ALA A 108 32.34 1.04 -7.61
N ALA A 109 32.68 1.99 -8.47
CA ALA A 109 32.96 3.36 -8.04
C ALA A 109 31.65 4.07 -7.70
N PRO A 110 31.66 4.92 -6.67
CA PRO A 110 30.42 5.59 -6.24
C PRO A 110 29.84 6.48 -7.35
N ASN A 111 28.51 6.52 -7.44
CA ASN A 111 27.79 7.32 -8.43
C ASN A 111 27.92 6.83 -9.88
N ALA A 112 28.65 5.72 -10.07
CA ALA A 112 28.84 5.19 -11.42
C ALA A 112 27.70 4.28 -11.86
N ALA A 113 27.06 3.60 -10.91
CA ALA A 113 25.97 2.67 -11.24
C ALA A 113 24.70 3.34 -11.73
N HIS A 114 24.19 2.86 -12.85
CA HIS A 114 22.93 3.33 -13.42
C HIS A 114 22.48 2.32 -14.47
N PHE A 115 21.20 2.34 -14.78
CA PHE A 115 20.71 1.55 -15.90
C PHE A 115 20.22 2.48 -16.97
N PRO A 116 21.08 2.71 -17.98
CA PRO A 116 20.63 3.50 -19.13
C PRO A 116 19.38 2.86 -19.72
N PRO A 118 18.47 2.24 -22.81
CA PRO A 118 18.72 1.19 -23.79
C PRO A 118 19.13 -0.15 -23.20
N TRP A 119 19.69 -0.17 -21.99
CA TRP A 119 19.97 -1.43 -21.33
C TRP A 119 18.67 -2.18 -21.04
N LEU A 120 17.68 -1.45 -20.52
CA LEU A 120 16.40 -2.05 -20.16
C LEU A 120 15.53 -2.26 -21.39
N ALA A 121 15.75 -1.43 -22.41
CA ALA A 121 14.98 -1.54 -23.65
C ALA A 121 15.40 -2.76 -24.45
N ALA A 122 16.49 -3.41 -24.03
CA ALA A 122 16.94 -4.64 -24.66
C ALA A 122 16.10 -5.84 -24.22
N LEU A 123 15.23 -5.63 -23.23
CA LEU A 123 14.49 -6.74 -22.64
C LEU A 123 13.03 -6.73 -23.07
N SER A 124 12.35 -7.86 -22.86
CA SER A 124 10.90 -7.91 -23.05
C SER A 124 10.27 -6.99 -22.02
N ASN A 125 9.04 -6.55 -22.28
CA ASN A 125 8.33 -5.67 -21.36
C ASN A 125 8.27 -6.24 -19.94
N LYS A 126 7.92 -7.52 -19.83
CA LYS A 126 7.76 -8.18 -18.54
C LYS A 126 9.05 -8.20 -17.72
N LEU A 127 10.18 -8.48 -18.37
CA LEU A 127 11.44 -8.60 -17.64
C LEU A 127 11.99 -7.22 -17.24
N ALA A 128 11.92 -6.28 -18.17
CA ALA A 128 12.29 -4.90 -17.84
C ALA A 128 11.51 -4.42 -16.62
N ARG A 129 10.21 -4.67 -16.61
CA ARG A 129 9.36 -4.23 -15.53
C ARG A 129 9.77 -4.86 -14.20
N ARG A 130 10.08 -6.14 -14.25
CA ARG A 130 10.56 -6.90 -13.10
C ARG A 130 11.78 -6.22 -12.47
N ILE A 131 12.74 -5.84 -13.30
CA ILE A 131 13.94 -5.18 -12.82
C ILE A 131 13.67 -3.80 -12.25
N VAL A 132 12.96 -2.98 -13.01
CA VAL A 132 12.62 -1.63 -12.56
C VAL A 132 11.87 -1.68 -11.23
N LEU A 133 10.86 -2.56 -11.15
CA LEU A 133 10.09 -2.70 -9.91
C LEU A 133 10.99 -3.04 -8.72
N GLN A 134 11.95 -3.93 -8.93
CA GLN A 134 12.83 -4.33 -7.84
C GLN A 134 13.78 -3.19 -7.43
N LEU A 135 14.43 -2.57 -8.40
CA LEU A 135 15.37 -1.51 -8.08
C LEU A 135 14.69 -0.25 -7.50
N THR A 136 13.50 0.08 -7.98
CA THR A 136 12.80 1.24 -7.41
C THR A 136 12.24 0.93 -6.02
N THR A 137 12.11 -0.36 -5.68
CA THR A 137 11.80 -0.77 -4.30
C THR A 137 13.01 -0.47 -3.41
N TYR A 138 14.20 -0.63 -4.00
CA TYR A 138 15.46 -0.40 -3.31
C TYR A 138 15.89 1.07 -3.37
N GLY A 139 14.99 1.95 -3.83
CA GLY A 139 15.22 3.38 -3.81
C GLY A 139 15.87 3.99 -5.06
N TRP A 140 16.11 3.19 -6.10
CA TRP A 140 16.52 3.76 -7.39
C TRP A 140 15.35 4.57 -7.94
N ILE A 141 15.66 5.61 -8.74
CA ILE A 141 14.61 6.42 -9.36
C ILE A 141 14.76 6.51 -10.87
N VAL A 142 13.66 6.83 -11.54
CA VAL A 142 13.67 7.03 -12.99
C VAL A 142 13.95 8.50 -13.30
N SER A 143 14.92 8.75 -14.18
CA SER A 143 15.20 10.12 -14.62
C SER A 143 14.25 10.59 -15.73
N GLU A 144 14.34 11.86 -16.07
CA GLU A 144 13.51 12.40 -17.15
C GLU A 144 13.86 11.74 -18.48
N GLN A 145 15.05 11.13 -18.56
CA GLN A 145 15.46 10.42 -19.77
C GLN A 145 15.07 8.95 -19.74
N GLY A 146 14.42 8.53 -18.65
CA GLY A 146 14.01 7.15 -18.53
C GLY A 146 15.12 6.22 -18.10
N ASP A 147 16.25 6.77 -17.65
CA ASP A 147 17.30 5.95 -17.06
C ASP A 147 16.92 5.61 -15.63
N LEU A 148 17.45 4.52 -15.11
CA LEU A 148 17.32 4.20 -13.69
C LEU A 148 18.58 4.68 -13.02
N LEU A 149 18.41 5.54 -12.01
CA LEU A 149 19.56 6.11 -11.30
C LEU A 149 19.57 5.73 -9.81
N TRP A 150 20.76 5.63 -9.23
CA TRP A 150 20.88 5.49 -7.77
C TRP A 150 21.68 6.68 -7.27
N GLU A 151 20.99 7.59 -6.59
CA GLU A 151 21.57 8.87 -6.26
C GLU A 151 22.15 8.95 -4.86
N HIS A 152 22.95 7.95 -4.48
CA HIS A 152 23.64 7.95 -3.20
C HIS A 152 24.99 7.28 -3.35
N GLU A 153 25.83 7.42 -2.32
CA GLU A 153 27.20 6.92 -2.39
C GLU A 153 27.41 5.63 -1.61
N ARG A 154 26.33 5.01 -1.15
CA ARG A 154 26.39 3.68 -0.55
C ARG A 154 25.18 2.87 -0.97
N GLN A 155 25.34 1.54 -1.01
CA GLN A 155 24.23 0.62 -1.25
C GLN A 155 24.68 -0.82 -1.07
N HIS A 156 23.69 -1.70 -0.91
CA HIS A 156 23.92 -3.14 -0.84
C HIS A 156 22.70 -3.76 -1.49
N HIS A 157 22.68 -3.75 -2.82
CA HIS A 157 21.52 -4.14 -3.59
C HIS A 157 21.72 -5.44 -4.35
N TYR A 158 20.77 -6.37 -4.16
CA TYR A 158 20.89 -7.75 -4.65
C TYR A 158 19.74 -8.16 -5.55
N LEU A 159 20.08 -8.82 -6.65
CA LEU A 159 19.09 -9.44 -7.50
C LEU A 159 19.25 -10.98 -7.46
N PRO A 160 18.13 -11.71 -7.28
CA PRO A 160 18.12 -13.17 -7.08
C PRO A 160 18.43 -13.97 -8.35
N PRO A 161 18.85 -15.24 -8.18
CA PRO A 161 19.21 -16.12 -9.29
C PRO A 161 18.14 -16.23 -10.37
N ALA A 162 16.87 -16.31 -9.98
CA ALA A 162 15.79 -16.39 -10.96
C ALA A 162 15.80 -15.19 -11.91
N LEU A 163 15.99 -14.00 -11.36
CA LEU A 163 16.06 -12.79 -12.17
C LEU A 163 17.31 -12.78 -13.06
N ILE A 164 18.47 -13.03 -12.47
CA ILE A 164 19.72 -13.08 -13.21
C ILE A 164 19.66 -14.12 -14.35
N GLU A 165 19.02 -15.26 -14.09
CA GLU A 165 18.83 -16.29 -15.10
C GLU A 165 18.04 -15.75 -16.28
N ALA A 166 16.91 -15.12 -15.97
CA ALA A 166 16.07 -14.48 -16.99
C ALA A 166 16.86 -13.48 -17.84
N ILE A 167 17.68 -12.66 -17.19
CA ILE A 167 18.50 -11.67 -17.91
C ILE A 167 19.55 -12.36 -18.79
N GLU A 168 20.19 -13.39 -18.25
CA GLU A 168 21.23 -14.11 -18.98
C GLU A 168 20.65 -14.79 -20.22
N LYS A 169 19.40 -15.22 -20.12
CA LYS A 169 18.70 -15.78 -21.26
C LYS A 169 18.29 -14.72 -22.29
N GLU A 170 17.66 -13.64 -21.83
CA GLU A 170 17.21 -12.60 -22.75
C GLU A 170 18.33 -11.73 -23.31
N SER A 171 19.30 -11.41 -22.47
CA SER A 171 20.38 -10.52 -22.89
C SER A 171 21.67 -10.77 -22.12
N PRO A 172 22.47 -11.73 -22.59
CA PRO A 172 23.79 -12.02 -22.04
C PRO A 172 24.64 -10.76 -21.98
N ALA A 173 24.49 -9.89 -22.97
CA ALA A 173 25.29 -8.68 -23.04
C ALA A 173 24.96 -7.72 -21.90
N LEU A 174 23.68 -7.63 -21.56
CA LEU A 174 23.27 -6.79 -20.43
C LEU A 174 23.94 -7.27 -19.15
N LEU A 175 23.90 -8.58 -18.92
CA LEU A 175 24.49 -9.14 -17.71
C LEU A 175 25.99 -8.83 -17.63
N LYS A 176 26.68 -8.94 -18.75
CA LYS A 176 28.10 -8.58 -18.80
C LYS A 176 28.31 -7.09 -18.52
N ASN A 177 27.40 -6.24 -19.01
CA ASN A 177 27.48 -4.81 -18.70
C ASN A 177 27.30 -4.60 -17.19
N GLU A 179 27.83 -6.79 -14.74
CA GLU A 179 28.98 -7.32 -14.03
C GLU A 179 30.15 -6.37 -14.13
N GLU A 180 30.30 -5.72 -15.27
CA GLU A 180 31.42 -4.80 -15.44
C GLU A 180 31.23 -3.55 -14.57
N ALA A 181 29.98 -3.20 -14.32
CA ALA A 181 29.66 -2.10 -13.42
C ALA A 181 29.81 -2.47 -11.94
N GLY A 182 30.04 -3.76 -11.64
CA GLY A 182 30.26 -4.17 -10.27
C GLY A 182 29.17 -5.03 -9.64
N TRP A 183 28.24 -5.51 -10.46
CA TRP A 183 27.28 -6.51 -10.01
C TRP A 183 28.03 -7.85 -9.93
N ILE A 184 28.18 -8.38 -8.72
CA ILE A 184 29.04 -9.55 -8.49
C ILE A 184 28.28 -10.81 -8.09
N ALA A 185 28.67 -11.96 -8.65
CA ALA A 185 28.02 -13.24 -8.38
C ALA A 185 28.05 -13.59 -6.89
N CYS A 186 26.95 -14.16 -6.38
CA CYS A 186 26.85 -14.50 -4.97
C CYS A 186 26.62 -15.99 -4.76
N ALA A 187 26.93 -16.47 -3.56
CA ALA A 187 26.58 -17.81 -3.16
C ALA A 187 25.13 -17.85 -2.63
N ALA A 188 24.74 -18.98 -2.05
CA ALA A 188 23.40 -19.07 -1.47
C ALA A 188 23.28 -18.22 -0.21
N GLY A 189 22.04 -17.91 0.17
CA GLY A 189 21.81 -17.11 1.35
C GLY A 189 20.37 -16.67 1.50
N TYR A 190 20.17 -15.47 2.01
CA TYR A 190 18.82 -14.95 2.26
C TYR A 190 18.64 -13.61 1.55
N TRP A 191 17.49 -13.46 0.91
CA TRP A 191 17.16 -12.28 0.09
C TRP A 191 15.96 -11.50 0.64
N GLN A 192 16.14 -10.18 0.81
CA GLN A 192 15.03 -9.30 1.15
C GLN A 192 14.51 -8.64 -0.12
N ALA A 193 13.48 -9.24 -0.69
CA ALA A 193 12.88 -8.73 -1.93
C ALA A 193 12.12 -7.44 -1.71
N GLY A 194 11.63 -7.23 -0.49
CA GLY A 194 10.76 -6.10 -0.21
C GLY A 194 9.41 -6.23 -0.90
N LYS A 195 8.87 -7.45 -0.93
CA LYS A 195 7.54 -7.65 -1.49
C LYS A 195 6.55 -6.94 -0.60
N ALA A 196 5.64 -6.21 -1.22
CA ALA A 196 4.70 -5.34 -0.51
C ALA A 196 5.42 -4.33 0.38
N ARG A 197 6.61 -3.89 -0.03
CA ARG A 197 7.32 -2.87 0.73
C ARG A 197 7.62 -1.65 -0.13
N SER A 198 7.82 -0.52 0.53
CA SER A 198 8.17 0.71 -0.14
C SER A 198 9.17 1.45 0.73
N PRO A 199 10.20 2.03 0.10
CA PRO A 199 11.12 2.87 0.88
C PRO A 199 10.48 4.20 1.28
N TYR A 200 9.25 4.46 0.85
CA TYR A 200 8.56 5.72 1.12
C TYR A 200 7.31 5.56 1.99
N LEU A 201 7.10 4.35 2.53
CA LEU A 201 5.99 4.16 3.46
C LEU A 201 6.24 4.88 4.77
N PRO A 202 5.33 5.79 5.15
CA PRO A 202 5.45 6.49 6.43
C PRO A 202 4.86 5.66 7.55
N ILE A 203 5.63 5.40 8.61
CA ILE A 203 5.17 4.58 9.72
C ILE A 203 5.39 5.22 11.10
N THR A 204 5.88 6.46 11.10
CA THR A 204 6.06 7.21 12.34
C THR A 204 5.15 8.42 12.31
N PRO A 205 4.82 8.99 13.49
CA PRO A 205 4.03 10.21 13.51
C PRO A 205 4.62 11.32 12.63
N GLU A 206 5.93 11.54 12.70
CA GLU A 206 6.58 12.53 11.84
C GLU A 206 6.42 12.25 10.34
N ALA A 207 6.71 11.02 9.95
CA ALA A 207 6.62 10.67 8.53
C ALA A 207 5.17 10.73 8.04
N ILE A 208 4.23 10.35 8.91
CA ILE A 208 2.82 10.36 8.52
C ILE A 208 2.31 11.80 8.37
N THR A 209 2.73 12.68 9.27
CA THR A 209 2.35 14.08 9.16
C THR A 209 2.86 14.67 7.84
N GLU A 210 4.13 14.39 7.54
CA GLU A 210 4.76 14.93 6.34
C GLU A 210 4.03 14.47 5.08
N GLU A 211 3.73 13.18 5.01
CA GLU A 211 3.07 12.63 3.82
C GLU A 211 1.63 13.14 3.71
N THR A 212 0.98 13.31 4.85
CA THR A 212 -0.40 13.81 4.89
C THR A 212 -0.41 15.19 4.23
N ILE A 213 0.50 16.05 4.67
CA ILE A 213 0.60 17.40 4.17
C ILE A 213 0.97 17.44 2.68
N ARG A 214 1.93 16.60 2.26
CA ARG A 214 2.29 16.50 0.84
C ARG A 214 1.15 16.02 -0.05
N SER A 215 0.37 15.05 0.44
CA SER A 215 -0.76 14.53 -0.33
C SER A 215 -1.85 15.59 -0.51
N ARG A 217 -1.30 18.87 -0.52
CA ARG A 217 -0.77 19.87 -1.43
C ARG A 217 -0.78 19.35 -2.87
N ALA A 218 -0.71 18.04 -3.03
CA ALA A 218 -0.81 17.41 -4.34
C ALA A 218 -2.25 17.36 -4.82
N GLY A 219 -3.20 17.60 -3.92
CA GLY A 219 -4.59 17.70 -4.33
C GLY A 219 -5.63 16.87 -3.58
N ALA A 220 -5.20 16.10 -2.59
CA ALA A 220 -6.14 15.28 -1.82
C ALA A 220 -6.95 16.13 -0.86
N ALA A 221 -8.26 15.89 -0.81
CA ALA A 221 -9.12 16.63 0.11
C ALA A 221 -9.26 15.91 1.45
N VAL A 222 -9.19 14.58 1.42
CA VAL A 222 -9.34 13.75 2.61
C VAL A 222 -8.14 12.81 2.73
N VAL A 223 -7.62 12.65 3.94
CA VAL A 223 -6.51 11.71 4.15
C VAL A 223 -6.94 10.60 5.11
N HIS A 224 -6.83 9.36 4.67
CA HIS A 224 -7.23 8.22 5.49
C HIS A 224 -6.01 7.60 6.16
N LEU A 225 -6.02 7.54 7.49
CA LEU A 225 -4.84 7.20 8.27
C LEU A 225 -4.89 5.87 9.01
N HIS A 226 -3.72 5.23 9.10
CA HIS A 226 -3.50 4.11 10.02
C HIS A 226 -2.27 4.51 10.84
N THR A 227 -2.08 3.86 11.98
CA THR A 227 -0.81 3.91 12.69
C THR A 227 -0.23 2.50 12.81
N ARG A 228 1.05 2.43 13.18
CA ARG A 228 1.77 1.15 13.26
C ARG A 228 2.52 1.03 14.58
N ASP A 229 2.60 -0.19 15.11
CA ASP A 229 3.30 -0.41 16.37
C ASP A 229 4.72 -0.88 16.05
N LEU A 230 5.70 -0.06 16.39
CA LEU A 230 7.09 -0.37 16.08
C LEU A 230 7.85 -0.80 17.32
N SER A 231 7.13 -1.18 18.37
CA SER A 231 7.77 -1.52 19.65
C SER A 231 8.67 -2.75 19.59
N ASP A 232 8.48 -3.64 18.61
CA ASP A 232 9.25 -4.89 18.56
C ASP A 232 10.46 -4.86 17.63
N ARG A 233 10.78 -3.69 17.09
CA ARG A 233 11.87 -3.58 16.15
C ARG A 233 13.21 -3.83 16.83
N ARG A 234 14.14 -4.46 16.12
CA ARG A 234 15.48 -4.63 16.66
C ARG A 234 16.53 -4.84 15.58
N ARG A 235 17.78 -4.51 15.92
CA ARG A 235 18.87 -4.58 14.95
C ARG A 235 19.65 -5.86 15.14
N ILE A 236 19.74 -6.64 14.07
CA ILE A 236 20.57 -7.83 14.08
C ILE A 236 21.91 -7.48 13.41
N GLU A 237 23.00 -7.70 14.13
CA GLU A 237 24.31 -7.36 13.60
C GLU A 237 24.95 -8.61 13.05
N ILE A 238 25.41 -8.52 11.80
CA ILE A 238 26.04 -9.66 11.13
C ILE A 238 27.41 -9.22 10.61
N PRO A 239 28.48 -9.88 11.08
CA PRO A 239 29.83 -9.47 10.68
C PRO A 239 30.03 -9.66 9.19
N GLY A 240 30.73 -8.71 8.57
CA GLY A 240 30.96 -8.74 7.14
C GLY A 240 29.75 -8.25 6.35
N LEU A 241 28.84 -7.56 7.04
CA LEU A 241 27.60 -7.13 6.42
C LEU A 241 27.00 -5.90 7.09
N GLY A 242 27.14 -5.80 8.40
CA GLY A 242 26.56 -4.69 9.13
C GLY A 242 25.28 -5.05 9.86
N VAL A 243 24.30 -4.14 9.82
CA VAL A 243 23.07 -4.30 10.59
C VAL A 243 21.84 -4.42 9.70
N VAL A 244 21.01 -5.40 10.01
CA VAL A 244 19.71 -5.57 9.36
C VAL A 244 18.61 -5.39 10.43
N THR A 245 17.59 -4.58 10.14
CA THR A 245 16.53 -4.28 11.10
C THR A 245 15.22 -5.03 10.85
N VAL A 246 14.75 -5.78 11.85
CA VAL A 246 13.51 -6.53 11.72
C VAL A 246 12.46 -5.96 12.67
N GLY A 247 11.21 -6.35 12.46
CA GLY A 247 10.10 -5.90 13.27
C GLY A 247 8.77 -6.04 12.55
N SER A 248 7.67 -6.18 13.30
CA SER A 248 6.37 -6.47 12.70
C SER A 248 5.77 -5.31 11.89
N GLN A 249 6.08 -4.07 12.27
CA GLN A 249 5.38 -2.89 11.72
C GLN A 249 3.88 -3.13 11.72
N ARG A 250 3.39 -3.79 12.77
CA ARG A 250 2.01 -4.28 12.80
C ARG A 250 0.98 -3.17 12.83
N ASN A 251 -0.04 -3.29 11.99
CA ASN A 251 -1.18 -2.40 12.04
C ASN A 251 -1.80 -2.36 13.43
N GLN A 252 -1.86 -1.17 14.02
CA GLN A 252 -2.41 -1.04 15.36
C GLN A 252 -2.90 0.39 15.55
N ILE A 253 -3.99 0.54 16.28
CA ILE A 253 -4.45 1.87 16.66
C ILE A 253 -3.57 2.31 17.82
N VAL A 254 -2.69 3.28 17.56
CA VAL A 254 -1.71 3.69 18.57
C VAL A 254 -2.09 5.08 19.05
N LEU A 255 -2.63 5.15 20.26
CA LEU A 255 -3.24 6.39 20.75
C LEU A 255 -2.24 7.55 20.85
N ASP A 256 -1.01 7.25 21.27
CA ASP A 256 0.01 8.28 21.43
C ASP A 256 0.45 8.81 20.07
N ASP A 257 0.37 7.96 19.06
CA ASP A 257 0.73 8.40 17.72
C ASP A 257 -0.30 9.40 17.17
N TYR A 258 -1.58 9.13 17.38
CA TYR A 258 -2.60 10.06 16.91
C TYR A 258 -2.59 11.34 17.74
N ASP A 259 -2.22 11.24 19.03
CA ASP A 259 -2.12 12.41 19.88
C ASP A 259 -1.08 13.35 19.30
N ALA A 260 -0.07 12.78 18.65
CA ALA A 260 0.95 13.57 17.98
C ALA A 260 0.48 14.03 16.60
N ILE A 261 0.02 13.09 15.79
CA ILE A 261 -0.31 13.36 14.38
C ILE A 261 -1.42 14.39 14.18
N VAL A 262 -2.52 14.26 14.93
CA VAL A 262 -3.64 15.16 14.74
C VAL A 262 -3.28 16.67 14.86
N PRO A 263 -2.66 17.09 15.98
CA PRO A 263 -2.23 18.49 16.10
C PRO A 263 -1.07 18.85 15.17
N VAL A 265 -0.42 17.78 12.21
CA VAL A 265 -1.02 18.09 10.90
C VAL A 265 -1.77 19.41 10.91
N LYS A 267 -1.70 22.00 12.92
CA LYS A 267 -0.96 23.25 13.15
C LYS A 267 -0.47 23.85 11.84
N ARG A 268 -0.24 23.00 10.85
CA ARG A 268 0.23 23.44 9.52
C ARG A 268 -0.90 23.52 8.50
N GLU A 269 -1.82 22.55 8.56
CA GLU A 269 -2.93 22.48 7.62
C GLU A 269 -4.26 22.20 8.32
N PRO A 270 -4.85 23.25 8.94
CA PRO A 270 -6.10 23.09 9.71
C PRO A 270 -7.29 22.61 8.88
N ALA A 271 -7.23 22.74 7.56
CA ALA A 271 -8.30 22.26 6.69
C ALA A 271 -8.36 20.73 6.59
N ALA A 272 -7.29 20.07 7.04
CA ALA A 272 -7.13 18.63 6.87
C ALA A 272 -8.38 17.90 7.33
N ILE A 273 -8.92 17.07 6.44
CA ILE A 273 -10.02 16.20 6.77
C ILE A 273 -9.43 14.83 7.06
N LEU A 274 -9.31 14.52 8.34
CA LEU A 274 -8.71 13.27 8.79
C LEU A 274 -9.76 12.18 8.87
N ASN A 275 -9.48 11.07 8.19
CA ASN A 275 -10.37 9.92 8.15
C ASN A 275 -9.60 8.77 8.80
N LEU A 276 -9.94 8.46 10.05
CA LEU A 276 -9.14 7.51 10.82
C LEU A 276 -9.67 6.09 10.71
N SER A 277 -8.77 5.15 10.41
CA SER A 277 -9.13 3.74 10.39
C SER A 277 -9.49 3.25 11.78
N THR A 278 -10.56 2.50 11.88
CA THR A 278 -10.92 1.85 13.13
C THR A 278 -10.71 0.35 12.99
N SER A 279 -10.11 -0.05 11.87
CA SER A 279 -9.93 -1.47 11.55
C SER A 279 -8.92 -2.17 12.47
N VAL A 280 -9.17 -3.45 12.74
CA VAL A 280 -8.23 -4.25 13.53
C VAL A 280 -7.68 -5.42 12.70
N ARG A 281 -7.45 -5.16 11.41
CA ARG A 281 -6.84 -6.13 10.51
C ARG A 281 -5.48 -6.56 11.06
N GLY A 282 -5.22 -7.86 11.06
CA GLY A 282 -4.03 -8.42 11.66
C GLY A 282 -4.28 -8.83 13.11
N ASP A 283 -5.38 -8.36 13.67
CA ASP A 283 -5.66 -8.55 15.10
C ASP A 283 -7.16 -8.74 15.38
N ARG A 284 -7.69 -9.90 15.00
CA ARG A 284 -9.12 -10.18 15.14
C ARG A 284 -9.64 -10.15 16.58
N HIS A 285 -8.75 -10.37 17.55
CA HIS A 285 -9.17 -10.34 18.96
C HIS A 285 -9.48 -8.93 19.46
N GLY A 286 -9.07 -7.92 18.70
CA GLY A 286 -9.31 -6.54 19.09
C GLY A 286 -10.65 -5.99 18.63
N ALA A 287 -11.44 -6.81 17.95
CA ALA A 287 -12.59 -6.32 17.22
C ALA A 287 -13.80 -5.84 18.06
N ARG A 288 -13.84 -6.17 19.36
CA ARG A 288 -14.93 -5.67 20.21
C ARG A 288 -14.48 -4.51 21.09
N SER A 289 -13.18 -4.20 21.08
CA SER A 289 -12.64 -3.30 22.09
C SER A 289 -13.04 -1.82 21.92
N LYS A 290 -13.01 -1.11 23.05
CA LYS A 290 -13.22 0.34 23.08
C LYS A 290 -12.09 1.02 22.33
N LEU A 291 -10.96 0.34 22.19
CA LEU A 291 -9.80 0.90 21.48
C LEU A 291 -10.20 1.35 20.07
N ARG A 292 -11.18 0.68 19.49
CA ARG A 292 -11.62 0.98 18.13
C ARG A 292 -12.36 2.32 18.02
N ARG A 293 -12.61 2.96 19.16
CA ARG A 293 -13.12 4.33 19.14
C ARG A 293 -12.35 5.28 20.06
N ALA A 294 -11.31 4.79 20.72
CA ALA A 294 -10.57 5.60 21.70
C ALA A 294 -9.78 6.73 21.05
N HIS A 295 -9.46 6.58 19.77
CA HIS A 295 -8.78 7.63 18.99
C HIS A 295 -9.78 8.59 18.37
N LEU A 296 -11.07 8.27 18.52
CA LEU A 296 -12.12 9.17 18.06
C LEU A 296 -12.58 9.97 19.27
N PHE A 298 -12.43 14.12 21.24
CA PHE A 298 -12.20 15.53 21.08
C PHE A 298 -10.72 15.76 21.37
N TYR A 299 -9.99 16.24 20.35
CA TYR A 299 -8.58 16.58 20.56
C TYR A 299 -8.48 18.04 20.98
N ASP A 300 -8.19 18.26 22.26
CA ASP A 300 -8.21 19.61 22.83
C ASP A 300 -7.32 20.61 22.08
N ASP A 301 -6.13 20.17 21.69
CA ASP A 301 -5.17 21.01 20.97
C ASP A 301 -5.68 21.51 19.64
N VAL A 302 -6.76 20.89 19.16
CA VAL A 302 -7.24 21.12 17.82
C VAL A 302 -8.70 21.62 17.83
N GLY A 303 -9.31 21.56 19.00
CA GLY A 303 -10.70 21.97 19.18
C GLY A 303 -11.72 21.14 18.43
N SER A 304 -11.42 19.86 18.18
CA SER A 304 -12.31 19.04 17.35
C SER A 304 -12.03 17.54 17.45
N ALA A 305 -13.02 16.73 17.09
CA ALA A 305 -12.82 15.29 16.93
C ALA A 305 -12.40 15.03 15.48
N PRO A 306 -11.96 13.80 15.16
CA PRO A 306 -11.61 13.60 13.74
C PRO A 306 -12.85 13.76 12.87
N GLU A 307 -12.66 14.22 11.64
CA GLU A 307 -13.79 14.53 10.77
C GLU A 307 -14.58 13.29 10.38
N VAL A 308 -13.82 12.23 10.08
CA VAL A 308 -14.37 11.01 9.50
C VAL A 308 -13.65 9.82 10.14
N ALA A 309 -14.34 8.68 10.23
CA ALA A 309 -13.68 7.43 10.67
C ALA A 309 -14.37 6.26 9.97
N SER A 310 -13.64 5.16 9.77
CA SER A 310 -14.22 4.05 9.03
C SER A 310 -15.24 3.26 9.85
N LEU A 311 -16.24 2.72 9.16
CA LEU A 311 -17.26 1.89 9.78
C LEU A 311 -17.74 0.84 8.78
N SER A 312 -17.63 -0.43 9.16
CA SER A 312 -18.02 -1.54 8.31
C SER A 312 -19.11 -2.33 9.02
N PRO A 313 -20.36 -2.21 8.55
CA PRO A 313 -21.47 -2.82 9.30
C PRO A 313 -21.70 -4.33 9.04
N ALA A 314 -20.62 -5.09 8.96
CA ALA A 314 -20.66 -6.56 8.90
C ALA A 314 -19.25 -7.07 9.12
N ALA A 315 -19.10 -8.36 9.38
CA ALA A 315 -17.76 -8.94 9.43
C ALA A 315 -17.03 -8.72 8.11
N VAL A 316 -15.73 -8.45 8.18
CA VAL A 316 -14.92 -8.35 6.98
C VAL A 316 -14.02 -9.59 6.93
N VAL A 317 -14.29 -10.47 5.96
CA VAL A 317 -13.59 -11.74 5.91
C VAL A 317 -12.83 -11.83 4.59
N PHE A 318 -11.58 -11.34 4.60
CA PHE A 318 -10.75 -11.40 3.40
C PHE A 318 -10.56 -12.84 2.94
N GLN A 319 -10.76 -13.10 1.65
CA GLN A 319 -10.47 -14.43 1.13
C GLN A 319 -8.99 -14.75 1.34
N GLY A 320 -8.17 -13.71 1.38
CA GLY A 320 -6.74 -13.87 1.60
C GLY A 320 -6.35 -14.03 3.05
N GLY A 321 -7.33 -13.97 3.95
CA GLY A 321 -7.11 -14.13 5.37
C GLY A 321 -6.92 -12.81 6.12
N GLY A 322 -7.05 -12.85 7.44
CA GLY A 322 -6.72 -11.70 8.26
C GLY A 322 -7.84 -10.72 8.57
N GLY A 323 -9.09 -11.15 8.47
CA GLY A 323 -10.20 -10.24 8.67
C GLY A 323 -10.52 -9.80 10.10
N TYR A 324 -11.71 -9.22 10.27
CA TYR A 324 -12.15 -8.74 11.58
C TYR A 324 -13.67 -8.59 11.63
N ASP A 325 -14.25 -8.95 12.76
CA ASP A 325 -15.69 -8.86 12.94
C ASP A 325 -16.11 -7.43 13.23
N ASN A 326 -17.36 -7.13 12.94
CA ASN A 326 -18.00 -5.91 13.42
C ASN A 326 -19.39 -6.31 13.88
N ALA A 327 -19.51 -6.64 15.16
CA ALA A 327 -20.75 -7.19 15.71
C ALA A 327 -21.80 -6.10 15.90
N PRO A 328 -23.08 -6.48 15.84
CA PRO A 328 -24.20 -5.55 16.02
C PRO A 328 -24.10 -4.72 17.29
N ASP A 329 -23.73 -5.33 18.42
CA ASP A 329 -23.62 -4.56 19.66
C ASP A 329 -22.44 -3.58 19.60
N PHE A 330 -21.33 -4.02 19.01
CA PHE A 330 -20.18 -3.16 18.79
C PHE A 330 -20.60 -1.98 17.92
N LEU A 331 -21.33 -2.29 16.85
CA LEU A 331 -21.71 -1.24 15.91
C LEU A 331 -22.65 -0.22 16.55
N ASP A 332 -23.54 -0.67 17.43
CA ASP A 332 -24.42 0.23 18.15
C ASP A 332 -23.62 1.25 18.95
N ALA A 333 -22.58 0.76 19.63
CA ALA A 333 -21.71 1.60 20.44
C ALA A 333 -20.91 2.56 19.56
N GLN A 334 -20.43 2.08 18.41
CA GLN A 334 -19.73 2.94 17.45
C GLN A 334 -20.63 4.10 17.00
N PHE A 335 -21.82 3.79 16.51
CA PHE A 335 -22.77 4.83 16.09
C PHE A 335 -23.07 5.85 17.19
N ASP A 336 -23.38 5.38 18.41
CA ASP A 336 -23.57 6.28 19.55
C ASP A 336 -22.36 7.22 19.72
N HIS A 337 -21.17 6.62 19.71
CA HIS A 337 -19.95 7.41 19.88
C HIS A 337 -19.73 8.45 18.76
N PHE A 338 -19.80 8.01 17.50
CA PHE A 338 -19.61 8.92 16.36
C PHE A 338 -20.56 10.11 16.47
N GLU A 339 -21.82 9.82 16.79
CA GLU A 339 -22.83 10.85 16.93
C GLU A 339 -22.44 11.82 18.04
N ARG A 340 -21.96 11.28 19.15
CA ARG A 340 -21.62 12.09 20.32
C ARG A 340 -20.44 13.03 20.08
N VAL A 341 -19.41 12.55 19.39
CA VAL A 341 -18.21 13.38 19.20
C VAL A 341 -18.23 14.20 17.90
N GLY A 342 -19.18 13.93 17.02
CA GLY A 342 -19.29 14.67 15.77
C GLY A 342 -18.40 14.16 14.65
N THR A 343 -18.22 12.85 14.61
CA THR A 343 -17.45 12.21 13.55
C THR A 343 -18.40 11.55 12.55
N ARG A 344 -18.15 11.77 11.25
CA ARG A 344 -18.97 11.17 10.22
C ARG A 344 -18.36 9.83 9.81
N PRO A 345 -19.16 8.76 9.88
CA PRO A 345 -18.69 7.46 9.39
C PRO A 345 -18.39 7.50 7.90
N GLU A 346 -17.31 6.82 7.50
CA GLU A 346 -17.18 6.45 6.11
C GLU A 346 -17.46 4.97 6.01
N VAL A 347 -18.53 4.61 5.32
CA VAL A 347 -18.91 3.20 5.25
C VAL A 347 -17.99 2.48 4.28
N GLU A 348 -17.18 1.57 4.83
CA GLU A 348 -16.27 0.81 4.00
C GLU A 348 -17.01 -0.39 3.42
N VAL A 349 -17.34 -0.29 2.14
CA VAL A 349 -18.14 -1.31 1.49
C VAL A 349 -17.24 -2.40 0.98
N PHE A 350 -16.94 -3.37 1.85
CA PHE A 350 -16.03 -4.46 1.48
C PHE A 350 -16.77 -5.56 0.70
N ASN A 351 -18.06 -5.71 0.99
CA ASN A 351 -18.79 -6.92 0.58
C ASN A 351 -20.28 -6.69 0.47
N HIS A 352 -21.00 -7.65 -0.13
CA HIS A 352 -22.45 -7.48 -0.32
C HIS A 352 -23.23 -7.49 0.99
N ALA A 353 -22.70 -8.19 1.98
CA ALA A 353 -23.32 -8.16 3.31
C ALA A 353 -23.43 -6.72 3.79
N ILE A 354 -22.33 -5.97 3.70
CA ILE A 354 -22.33 -4.56 4.10
C ILE A 354 -23.36 -3.71 3.31
N VAL A 355 -23.45 -3.92 2.00
CA VAL A 355 -24.45 -3.20 1.18
C VAL A 355 -25.86 -3.51 1.71
N ASP A 356 -26.13 -4.80 1.92
CA ASP A 356 -27.43 -5.25 2.41
C ASP A 356 -27.76 -4.60 3.75
N ASN A 357 -26.78 -4.62 4.65
CA ASN A 357 -26.99 -4.14 6.02
C ASN A 357 -27.10 -2.63 6.07
N ALA A 358 -26.28 -1.94 5.29
CA ALA A 358 -26.24 -0.48 5.30
C ALA A 358 -27.55 0.08 4.78
N THR A 359 -28.08 -0.53 3.73
CA THR A 359 -29.30 -0.05 3.08
C THR A 359 -30.58 -0.52 3.78
N SER A 360 -30.45 -1.34 4.81
CA SER A 360 -31.64 -1.79 5.55
C SER A 360 -31.60 -1.45 7.04
N LEU A 361 -31.09 -2.37 7.85
CA LEU A 361 -31.08 -2.20 9.31
C LEU A 361 -30.37 -0.93 9.79
N TYR A 362 -29.21 -0.63 9.21
CA TYR A 362 -28.41 0.49 9.71
C TYR A 362 -28.72 1.80 8.98
N ARG A 363 -29.73 1.77 8.12
CA ARG A 363 -30.02 2.93 7.27
C ARG A 363 -30.29 4.19 8.08
N ASP A 364 -31.24 4.10 9.00
CA ASP A 364 -31.59 5.25 9.82
C ASP A 364 -30.45 5.64 10.77
N ARG A 365 -29.69 4.67 11.26
CA ARG A 365 -28.52 5.01 12.09
C ARG A 365 -27.47 5.82 11.29
N LEU A 366 -27.27 5.46 10.03
CA LEU A 366 -26.34 6.20 9.15
C LEU A 366 -26.83 7.61 8.84
N LEU A 367 -28.14 7.77 8.69
CA LEU A 367 -28.70 9.10 8.51
C LEU A 367 -28.51 9.96 9.76
N ARG A 368 -28.61 9.35 10.93
CA ARG A 368 -28.44 10.07 12.20
C ARG A 368 -27.04 10.66 12.38
N THR A 369 -26.02 10.00 11.84
CA THR A 369 -24.65 10.49 11.97
C THR A 369 -24.33 11.61 10.97
N GLY A 370 -25.29 11.95 10.12
CA GLY A 370 -25.13 13.11 9.27
C GLY A 370 -25.07 12.86 7.77
N LYS A 371 -25.62 13.82 7.02
CA LYS A 371 -25.70 13.74 5.57
C LYS A 371 -24.77 14.77 4.95
N PRO A 372 -24.18 14.45 3.80
CA PRO A 372 -24.30 13.21 3.02
C PRO A 372 -23.65 12.02 3.73
N VAL A 373 -24.27 10.85 3.56
CA VAL A 373 -23.70 9.61 4.06
C VAL A 373 -22.56 9.21 3.11
N LEU A 374 -21.42 8.83 3.67
CA LEU A 374 -20.20 8.54 2.90
C LEU A 374 -19.94 7.05 2.72
N PHE A 375 -19.56 6.67 1.50
CA PHE A 375 -19.29 5.28 1.18
C PHE A 375 -17.96 5.17 0.44
N LEU A 377 -16.21 2.19 -1.86
CA LEU A 377 -16.27 0.87 -2.46
C LEU A 377 -14.88 0.22 -2.43
N VAL A 378 -14.72 -0.82 -1.62
CA VAL A 378 -13.44 -1.55 -1.58
C VAL A 378 -13.46 -2.56 -2.71
N ALA A 379 -13.32 -2.07 -3.93
CA ALA A 379 -13.48 -2.91 -5.12
C ALA A 379 -12.22 -3.69 -5.46
N GLY A 380 -12.39 -4.89 -6.01
CA GLY A 380 -11.24 -5.65 -6.47
C GLY A 380 -10.60 -6.55 -5.44
N VAL A 381 -11.10 -6.49 -4.20
CA VAL A 381 -10.54 -7.29 -3.11
C VAL A 381 -11.48 -8.44 -2.77
N ASP A 382 -11.02 -9.67 -2.95
CA ASP A 382 -11.87 -10.85 -2.77
C ASP A 382 -12.32 -11.05 -1.32
N GLN A 383 -13.62 -11.27 -1.14
CA GLN A 383 -14.23 -11.38 0.18
C GLN A 383 -15.07 -12.66 0.35
N TYR A 384 -15.09 -13.19 1.57
CA TYR A 384 -16.00 -14.27 1.92
C TYR A 384 -17.16 -13.75 2.74
N ARG A 385 -18.25 -14.51 2.74
CA ARG A 385 -19.25 -14.40 3.79
C ARG A 385 -19.32 -15.77 4.44
N ARG A 386 -19.30 -15.83 5.77
CA ARG A 386 -19.37 -17.11 6.46
C ARG A 386 -20.79 -17.40 6.96
N ASP A 387 -21.25 -18.62 6.75
CA ASP A 387 -22.51 -19.08 7.33
C ASP A 387 -22.28 -19.45 8.79
N PRO A 388 -22.98 -18.78 9.72
CA PRO A 388 -22.83 -19.00 11.17
C PRO A 388 -23.19 -20.43 11.56
N ILE A 389 -24.02 -21.09 10.77
CA ILE A 389 -24.54 -22.40 11.15
C ILE A 389 -23.57 -23.52 10.79
N THR A 390 -23.17 -23.57 9.52
CA THR A 390 -22.26 -24.61 9.05
C THR A 390 -20.80 -24.18 9.18
N GLY A 391 -20.57 -22.87 9.18
CA GLY A 391 -19.21 -22.36 9.23
C GLY A 391 -18.54 -22.34 7.86
N GLU A 392 -19.27 -22.71 6.81
CA GLU A 392 -18.75 -22.67 5.44
C GLU A 392 -18.77 -21.24 4.90
N VAL A 393 -17.82 -20.94 4.02
CA VAL A 393 -17.75 -19.61 3.44
C VAL A 393 -18.16 -19.65 1.99
N GLU A 394 -18.56 -18.49 1.47
CA GLU A 394 -18.80 -18.37 0.04
C GLU A 394 -18.46 -16.95 -0.39
N ASP A 395 -18.28 -16.78 -1.70
CA ASP A 395 -17.89 -15.50 -2.26
C ASP A 395 -18.90 -14.42 -1.91
N ASP A 396 -18.40 -13.27 -1.44
CA ASP A 396 -19.27 -12.13 -1.15
C ASP A 396 -18.66 -10.85 -1.69
N SER A 397 -17.75 -10.98 -2.65
CA SER A 397 -17.02 -9.85 -3.23
C SER A 397 -17.92 -8.92 -4.02
N LEU A 398 -17.61 -7.62 -4.04
CA LEU A 398 -18.38 -6.67 -4.85
C LEU A 398 -18.19 -6.95 -6.34
N ILE A 399 -16.95 -7.22 -6.73
CA ILE A 399 -16.68 -7.76 -8.04
C ILE A 399 -16.49 -9.25 -7.78
N ALA A 400 -17.48 -10.05 -8.15
CA ALA A 400 -17.47 -11.49 -7.91
C ALA A 400 -16.11 -12.04 -8.30
N ARG A 401 -15.57 -12.93 -7.47
CA ARG A 401 -14.20 -13.40 -7.67
C ARG A 401 -13.94 -13.92 -9.09
N VAL A 402 -14.88 -14.68 -9.66
CA VAL A 402 -14.68 -15.19 -11.02
C VAL A 402 -14.55 -14.06 -12.03
N VAL A 403 -15.33 -13.00 -11.84
CA VAL A 403 -15.22 -11.82 -12.68
C VAL A 403 -13.93 -11.05 -12.40
N ARG A 404 -13.56 -10.92 -11.12
CA ARG A 404 -12.32 -10.22 -10.74
C ARG A 404 -11.14 -10.92 -11.40
N GLU A 405 -11.13 -12.25 -11.33
CA GLU A 405 -10.11 -13.06 -11.98
C GLU A 405 -10.05 -12.84 -13.50
N GLU A 406 -11.20 -12.68 -14.13
CA GLU A 406 -11.24 -12.38 -15.55
C GLU A 406 -10.64 -11.01 -15.83
N ILE A 407 -11.01 -10.04 -15.01
CA ILE A 407 -10.45 -8.69 -15.14
C ILE A 407 -8.91 -8.69 -15.05
N SER A 408 -8.37 -9.36 -14.03
CA SER A 408 -6.92 -9.46 -13.84
C SER A 408 -6.28 -10.06 -15.08
N SER A 409 -6.92 -11.08 -15.62
CA SER A 409 -6.42 -11.77 -16.80
C SER A 409 -6.43 -10.82 -18.00
N LEU A 410 -7.50 -10.03 -18.12
CA LEU A 410 -7.61 -9.02 -19.17
C LEU A 410 -6.55 -7.92 -19.05
N LEU A 411 -6.35 -7.43 -17.83
CA LEU A 411 -5.35 -6.38 -17.60
C LEU A 411 -3.95 -6.92 -17.94
N ALA A 412 -3.76 -8.22 -17.78
CA ALA A 412 -2.47 -8.83 -18.11
C ALA A 412 -2.20 -8.89 -19.61
N ASP A 413 -3.24 -8.76 -20.44
CA ASP A 413 -3.05 -8.72 -21.89
C ASP A 413 -2.32 -7.46 -22.29
N GLU A 414 -2.45 -6.41 -21.47
CA GLU A 414 -1.83 -5.11 -21.72
C GLU A 414 -2.19 -4.52 -23.09
N SER A 415 -3.48 -4.61 -23.43
CA SER A 415 -3.96 -4.04 -24.69
C SER A 415 -5.15 -3.14 -24.44
N ALA A 416 -5.43 -2.25 -25.38
CA ALA A 416 -6.52 -1.31 -25.24
C ALA A 416 -7.84 -2.06 -25.34
N ASP A 417 -7.88 -3.06 -26.20
CA ASP A 417 -9.05 -3.90 -26.38
C ASP A 417 -9.42 -4.68 -25.10
N SER A 418 -8.44 -5.26 -24.45
CA SER A 418 -8.71 -6.00 -23.21
C SER A 418 -9.01 -5.07 -22.03
N HIS A 419 -8.35 -3.91 -22.00
CA HIS A 419 -8.62 -2.92 -20.96
C HIS A 419 -10.07 -2.44 -21.03
N ARG A 420 -10.54 -2.19 -22.24
CA ARG A 420 -11.92 -1.77 -22.51
C ARG A 420 -12.91 -2.83 -22.01
N ARG A 421 -12.59 -4.10 -22.25
CA ARG A 421 -13.44 -5.19 -21.78
C ARG A 421 -13.42 -5.25 -20.25
N ALA A 422 -12.26 -4.98 -19.65
CA ALA A 422 -12.12 -5.06 -18.20
C ALA A 422 -12.95 -3.98 -17.51
N VAL A 423 -12.90 -2.77 -18.06
CA VAL A 423 -13.71 -1.66 -17.56
C VAL A 423 -15.20 -2.02 -17.62
N GLU A 424 -15.63 -2.60 -18.73
CA GLU A 424 -17.03 -3.03 -18.85
C GLU A 424 -17.41 -3.99 -17.75
N LEU A 425 -16.57 -5.01 -17.53
CA LEU A 425 -16.81 -5.99 -16.47
C LEU A 425 -16.87 -5.37 -15.08
N ALA A 426 -15.93 -4.48 -14.77
CA ALA A 426 -15.89 -3.85 -13.45
C ALA A 426 -17.12 -2.98 -13.24
N ILE A 427 -17.40 -2.13 -14.21
CA ILE A 427 -18.59 -1.30 -14.18
C ILE A 427 -19.84 -2.17 -14.05
N GLY A 428 -19.91 -3.24 -14.82
CA GLY A 428 -21.06 -4.12 -14.79
C GLY A 428 -21.35 -4.70 -13.41
N GLN A 429 -20.28 -5.06 -12.69
CA GLN A 429 -20.43 -5.61 -11.35
C GLN A 429 -20.79 -4.54 -10.33
N LEU A 430 -20.26 -3.33 -10.50
CA LEU A 430 -20.38 -2.30 -9.49
C LEU A 430 -21.67 -1.47 -9.65
N ARG A 431 -22.13 -1.34 -10.88
CA ARG A 431 -23.31 -0.51 -11.13
C ARG A 431 -24.53 -0.84 -10.26
N PRO A 432 -24.89 -2.12 -10.12
CA PRO A 432 -26.03 -2.44 -9.24
C PRO A 432 -25.77 -2.09 -7.77
N VAL A 433 -24.51 -2.17 -7.34
CA VAL A 433 -24.17 -1.78 -5.97
C VAL A 433 -24.36 -0.28 -5.76
N VAL A 434 -23.84 0.51 -6.70
CA VAL A 434 -24.01 1.96 -6.65
C VAL A 434 -25.49 2.35 -6.72
N GLU A 435 -26.26 1.70 -7.58
CA GLU A 435 -27.69 2.03 -7.68
C GLU A 435 -28.42 1.77 -6.37
N ARG A 436 -28.13 0.64 -5.71
CA ARG A 436 -28.75 0.36 -4.41
C ARG A 436 -28.39 1.38 -3.34
N LEU A 437 -27.11 1.76 -3.29
CA LEU A 437 -26.67 2.73 -2.29
C LEU A 437 -27.34 4.07 -2.54
N ARG A 438 -27.41 4.49 -3.80
CA ARG A 438 -28.01 5.79 -4.10
C ARG A 438 -29.53 5.79 -3.93
N ALA A 439 -30.17 4.66 -4.16
CA ALA A 439 -31.61 4.54 -3.94
C ALA A 439 -31.96 4.67 -2.46
N SER A 440 -31.17 4.01 -1.60
CA SER A 440 -31.38 4.07 -0.15
C SER A 440 -30.87 5.37 0.45
N PHE A 441 -29.82 5.92 -0.14
CA PHE A 441 -29.24 7.17 0.36
C PHE A 441 -29.12 8.19 -0.76
N PRO A 442 -30.19 8.97 -0.99
CA PRO A 442 -30.19 9.96 -2.08
C PRO A 442 -29.19 11.08 -1.83
N VAL A 443 -28.95 11.39 -0.56
CA VAL A 443 -27.92 12.36 -0.23
C VAL A 443 -26.68 11.61 0.25
N SER A 444 -25.83 11.24 -0.70
CA SER A 444 -24.66 10.42 -0.43
C SER A 444 -23.47 10.81 -1.30
N LYS A 445 -22.29 10.44 -0.83
CA LYS A 445 -21.06 10.58 -1.58
C LYS A 445 -20.39 9.20 -1.63
N ILE A 446 -20.14 8.71 -2.84
CA ILE A 446 -19.54 7.40 -3.02
C ILE A 446 -18.19 7.50 -3.73
N SER A 447 -17.15 6.94 -3.11
CA SER A 447 -15.82 6.86 -3.73
C SER A 447 -15.45 5.41 -4.05
N ILE A 448 -14.34 5.23 -4.76
CA ILE A 448 -13.83 3.91 -5.07
C ILE A 448 -12.32 3.83 -4.85
N LEU A 449 -11.84 2.64 -4.49
CA LEU A 449 -10.41 2.33 -4.46
C LEU A 449 -10.24 1.06 -5.25
N LEU A 450 -9.01 0.77 -5.66
CA LEU A 450 -8.69 -0.51 -6.30
C LEU A 450 -7.29 -0.94 -5.86
N PRO A 451 -7.06 -2.27 -5.76
CA PRO A 451 -5.68 -2.64 -5.40
C PRO A 451 -4.73 -2.24 -6.53
N GLY A 452 -3.48 -1.94 -6.17
CA GLY A 452 -2.47 -1.54 -7.15
C GLY A 452 -2.50 -2.15 -8.54
N PRO A 453 -2.49 -3.48 -8.65
CA PRO A 453 -2.42 -4.06 -9.99
C PRO A 453 -3.69 -3.88 -10.83
N GLN A 455 -5.37 -0.76 -10.79
CA GLN A 455 -5.67 0.68 -10.77
C GLN A 455 -5.75 1.37 -12.14
N ASN A 456 -5.31 0.72 -13.21
CA ASN A 456 -5.51 1.31 -14.54
C ASN A 456 -7.01 1.51 -14.84
N LEU A 457 -7.87 0.78 -14.12
CA LEU A 457 -9.33 0.87 -14.26
C LEU A 457 -9.94 2.02 -13.47
N LEU A 458 -9.22 2.51 -12.46
CA LEU A 458 -9.75 3.42 -11.45
C LEU A 458 -10.54 4.61 -12.01
N VAL A 459 -9.93 5.38 -12.90
CA VAL A 459 -10.58 6.58 -13.44
C VAL A 459 -11.77 6.25 -14.36
N ASP A 460 -11.54 5.37 -15.33
CA ASP A 460 -12.60 4.89 -16.22
C ASP A 460 -13.81 4.43 -15.39
N VAL A 461 -13.54 3.57 -14.42
CA VAL A 461 -14.61 3.00 -13.60
C VAL A 461 -15.32 4.07 -12.77
N ALA A 462 -14.56 4.94 -12.10
CA ALA A 462 -15.19 5.96 -11.26
C ALA A 462 -16.04 6.94 -12.06
N LEU A 463 -15.50 7.38 -13.20
CA LEU A 463 -16.23 8.31 -14.06
C LEU A 463 -17.44 7.61 -14.66
N GLY A 464 -17.25 6.35 -15.07
CA GLY A 464 -18.33 5.58 -15.66
C GLY A 464 -19.51 5.36 -14.74
N LEU A 465 -19.21 5.28 -13.44
CA LEU A 465 -20.25 5.07 -12.43
C LEU A 465 -20.79 6.36 -11.85
N GLY A 466 -20.26 7.50 -12.28
CA GLY A 466 -20.69 8.77 -11.73
C GLY A 466 -20.37 8.93 -10.25
N LEU A 467 -19.23 8.38 -9.83
CA LEU A 467 -18.82 8.45 -8.42
C LEU A 467 -18.40 9.85 -7.97
N ASP A 468 -18.44 10.09 -6.66
CA ASP A 468 -18.07 11.39 -6.12
C ASP A 468 -16.61 11.48 -5.69
N GLY A 469 -15.88 10.37 -5.78
CA GLY A 469 -14.53 10.36 -5.27
C GLY A 469 -13.71 9.18 -5.72
N ILE A 470 -12.39 9.35 -5.62
CA ILE A 470 -11.43 8.29 -5.95
C ILE A 470 -10.36 8.28 -4.88
N ARG A 471 -10.01 7.09 -4.38
CA ARG A 471 -8.96 6.96 -3.39
C ARG A 471 -7.74 6.33 -4.04
N VAL A 472 -6.55 6.82 -3.66
CA VAL A 472 -5.28 6.19 -4.03
C VAL A 472 -4.35 6.30 -2.83
N GLY A 473 -3.22 5.59 -2.88
CA GLY A 473 -2.23 5.69 -1.81
C GLY A 473 -1.49 4.38 -1.61
N LEU A 474 -0.42 4.41 -0.83
CA LEU A 474 0.39 3.22 -0.63
C LEU A 474 -0.37 2.12 0.12
N GLU A 475 -1.42 2.51 0.84
CA GLU A 475 -2.31 1.52 1.47
C GLU A 475 -2.89 0.55 0.42
N ASP A 476 -3.22 1.09 -0.75
CA ASP A 476 -3.94 0.32 -1.78
C ASP A 476 -3.03 -0.25 -2.88
N GLY A 477 -1.97 0.49 -3.21
CA GLY A 477 -1.02 0.05 -4.22
C GLY A 477 0.29 0.81 -4.05
N LEU A 478 1.41 0.18 -4.41
CA LEU A 478 2.71 0.81 -4.17
C LEU A 478 3.31 1.44 -5.42
N THR A 479 2.63 1.31 -6.56
CA THR A 479 3.22 1.66 -7.86
C THR A 479 2.58 2.86 -8.57
N VAL A 480 3.25 3.31 -9.63
CA VAL A 480 2.64 4.25 -10.59
C VAL A 480 3.07 3.81 -11.98
N ASN A 481 2.33 4.23 -13.00
CA ASN A 481 2.81 4.06 -14.36
C ASN A 481 3.79 5.17 -14.65
N ASP A 482 4.76 4.90 -15.53
CA ASP A 482 5.73 5.90 -15.95
C ASP A 482 6.19 5.50 -17.34
N ALA A 483 5.74 6.24 -18.36
CA ALA A 483 6.02 5.87 -19.74
C ALA A 483 7.47 6.12 -20.13
N ARG A 484 8.20 6.86 -19.30
CA ARG A 484 9.59 7.17 -19.58
C ARG A 484 10.52 5.95 -19.46
N VAL A 485 10.14 4.98 -18.62
CA VAL A 485 11.00 3.83 -18.33
C VAL A 485 10.50 2.57 -19.03
N PRO A 486 11.42 1.73 -19.54
CA PRO A 486 10.94 0.49 -20.16
C PRO A 486 10.20 -0.37 -19.16
N GLY A 487 9.14 -1.04 -19.61
CA GLY A 487 8.24 -1.78 -18.74
C GLY A 487 7.07 -0.94 -18.27
N GLY A 488 7.25 0.37 -18.23
CA GLY A 488 6.16 1.31 -17.99
C GLY A 488 5.66 1.47 -16.55
N VAL A 489 6.25 0.74 -15.61
CA VAL A 489 5.76 0.69 -14.21
C VAL A 489 6.93 0.78 -13.22
N ARG A 490 6.73 1.49 -12.12
CA ARG A 490 7.74 1.53 -11.05
C ARG A 490 7.06 1.77 -9.70
N ALA A 492 5.93 3.95 -6.70
CA ALA A 492 5.63 5.37 -6.45
C ALA A 492 6.66 6.01 -5.52
N ARG A 493 6.89 7.31 -5.69
CA ARG A 493 7.74 8.08 -4.78
C ARG A 493 7.01 8.41 -3.49
N GLY A 494 5.71 8.21 -3.49
CA GLY A 494 4.90 8.49 -2.32
C GLY A 494 3.44 8.51 -2.68
N THR A 495 2.57 8.50 -1.67
CA THR A 495 1.16 8.67 -1.93
C THR A 495 0.90 10.00 -2.64
N TRP A 496 1.63 11.04 -2.25
CA TRP A 496 1.43 12.35 -2.91
C TRP A 496 1.60 12.23 -4.42
N GLU A 497 2.52 11.37 -4.87
CA GLU A 497 2.73 11.22 -6.32
C GLU A 497 1.53 10.56 -6.99
N GLN A 498 0.99 9.54 -6.36
CA GLN A 498 -0.19 8.87 -6.89
C GLN A 498 -1.38 9.84 -6.93
N VAL A 499 -1.47 10.69 -5.91
CA VAL A 499 -2.51 11.72 -5.88
C VAL A 499 -2.33 12.65 -7.07
N SER A 500 -1.10 13.10 -7.27
CA SER A 500 -0.77 14.00 -8.36
C SER A 500 -1.14 13.43 -9.73
N LEU A 501 -0.77 12.18 -9.97
CA LEU A 501 -1.08 11.51 -11.22
C LEU A 501 -2.57 11.28 -11.44
N VAL A 502 -3.31 10.89 -10.41
CA VAL A 502 -4.75 10.70 -10.60
C VAL A 502 -5.43 12.06 -10.83
N ARG A 503 -4.98 13.09 -10.13
CA ARG A 503 -5.49 14.45 -10.34
C ARG A 503 -5.29 14.91 -11.80
N GLU A 504 -4.08 14.71 -12.31
CA GLU A 504 -3.74 15.07 -13.70
C GLU A 504 -4.62 14.33 -14.73
N GLU A 505 -4.80 13.02 -14.55
CA GLU A 505 -5.64 12.24 -15.46
C GLU A 505 -7.10 12.71 -15.42
N LEU A 506 -7.59 13.01 -14.22
CA LEU A 506 -8.96 13.49 -14.06
C LEU A 506 -9.17 14.84 -14.75
N LEU A 507 -8.28 15.80 -14.49
CA LEU A 507 -8.34 17.12 -15.12
C LEU A 507 -8.33 17.00 -16.65
N GLY A 508 -7.49 16.12 -17.16
CA GLY A 508 -7.39 15.91 -18.60
C GLY A 508 -8.65 15.32 -19.21
N ARG A 509 -9.51 14.73 -18.38
CA ARG A 509 -10.79 14.21 -18.85
C ARG A 509 -11.91 15.23 -18.65
N GLY A 510 -11.53 16.43 -18.25
CA GLY A 510 -12.48 17.50 -18.01
C GLY A 510 -13.18 17.47 -16.66
N ALA A 511 -12.62 16.74 -15.69
CA ALA A 511 -13.23 16.63 -14.37
C ALA A 511 -12.94 17.81 -13.44
N THR A 512 -13.83 18.01 -12.47
CA THR A 512 -13.66 19.03 -11.45
C THR A 512 -13.23 18.36 -10.14
N ILE A 513 -12.13 18.85 -9.57
CA ILE A 513 -11.57 18.31 -8.33
C ILE A 513 -11.83 19.27 -7.19
N LEU A 514 -12.47 18.78 -6.12
CA LEU A 514 -12.80 19.60 -4.95
C LEU A 514 -11.63 19.71 -3.95
N THR A 515 -11.54 20.85 -3.26
CA THR A 515 -10.54 21.02 -2.21
C THR A 515 -11.06 20.56 -0.85
N ALA A 516 -10.16 20.45 0.11
CA ALA A 516 -10.53 20.12 1.48
C ALA A 516 -11.59 21.09 2.01
N ALA A 517 -11.38 22.38 1.76
CA ALA A 517 -12.32 23.41 2.22
C ALA A 517 -13.69 23.26 1.56
N GLN A 518 -13.70 22.96 0.27
CA GLN A 518 -14.96 22.70 -0.41
C GLN A 518 -15.62 21.41 0.09
N VAL A 519 -14.82 20.36 0.32
CA VAL A 519 -15.38 19.11 0.84
C VAL A 519 -15.97 19.29 2.23
N ARG A 520 -15.25 19.98 3.12
CA ARG A 520 -15.76 20.26 4.47
C ARG A 520 -17.14 20.91 4.42
N ASP A 521 -17.27 21.93 3.58
CA ASP A 521 -18.49 22.72 3.51
C ASP A 521 -19.67 21.92 2.96
N PHE A 523 -19.99 18.69 2.72
CA PHE A 523 -20.33 17.50 3.51
C PHE A 523 -20.78 17.85 4.93
N GLY A 524 -20.65 19.12 5.31
CA GLY A 524 -20.89 19.54 6.67
C GLY A 524 -20.07 18.81 7.72
N LEU A 525 -18.74 18.74 7.51
CA LEU A 525 -17.84 17.94 8.36
C LEU A 525 -17.11 18.72 9.46
N GLY A 526 -16.71 18.02 10.52
CA GLY A 526 -15.93 18.59 11.60
C GLY A 526 -16.72 19.55 12.45
N ILE A 527 -18.04 19.42 12.40
CA ILE A 527 -18.94 20.30 13.15
C ILE A 527 -19.41 19.68 14.46
#